data_5K5W
#
_entry.id   5K5W
#
_cell.length_a   43.835
_cell.length_b   80.218
_cell.length_c   143.753
_cell.angle_alpha   90.00
_cell.angle_beta   90.00
_cell.angle_gamma   90.00
#
_symmetry.space_group_name_H-M   'P 21 21 21'
#
loop_
_entity.id
_entity.type
_entity.pdbx_description
1 polymer 'limiting CO2-inducible protein LCIB'
2 non-polymer 'ZINC ION'
3 water water
#
_entity_poly.entity_id   1
_entity_poly.type   'polypeptide(L)'
_entity_poly.pdbx_seq_one_letter_code
;GHMAASTAVAPVENGAAPAVAHKRTFAQRHSELIKHFPSTMGVDDFMGRVEVALAGFGFTGDNTIAMTNLCRDEVTQVLK
DKIEAIFGSSFNTNGLGGVLTCGVTGMKAGLSHSPVCNGGRERYVFFAFPHIAINSEGEMGALSRPGRPKQSCACGALLA
ILNAFKVDGVEKSCKVPGVHDPLDPELTILQQRLARRVRYEKLDVSKLDLPGLTSVAERTITDDLEYLIEKAVDPAVADY
AVITGVQIHNWGKELSASGDASIEFVAPAKCYTVVNGLKTYIDLPQVPALSPRQIQT
;
_entity_poly.pdbx_strand_id   A,B
#
# COMPACT_ATOMS: atom_id res chain seq x y z
N HIS A 36 -30.42 -5.27 1.30
CA HIS A 36 -29.35 -5.72 0.43
C HIS A 36 -28.32 -6.45 1.25
N PHE A 37 -28.10 -5.94 2.46
CA PHE A 37 -27.17 -6.52 3.41
C PHE A 37 -27.89 -6.85 4.70
N PRO A 38 -28.58 -7.99 4.72
CA PRO A 38 -29.41 -8.43 5.86
C PRO A 38 -28.57 -8.68 7.10
N SER A 39 -27.26 -8.79 6.92
CA SER A 39 -26.36 -9.08 8.03
C SER A 39 -25.98 -7.81 8.79
N THR A 40 -26.43 -6.66 8.30
CA THR A 40 -25.93 -5.37 8.79
C THR A 40 -26.07 -5.13 10.29
N MET A 41 -25.01 -4.57 10.87
CA MET A 41 -24.98 -4.16 12.26
C MET A 41 -24.40 -2.77 12.37
N GLY A 42 -24.44 -2.21 13.58
CA GLY A 42 -23.67 -1.04 13.88
C GLY A 42 -22.24 -1.51 13.99
N VAL A 43 -21.29 -0.61 13.75
CA VAL A 43 -19.89 -0.98 13.66
C VAL A 43 -19.27 -1.30 15.03
N ASP A 44 -19.82 -0.71 16.10
CA ASP A 44 -19.25 -0.94 17.43
C ASP A 44 -19.90 -2.14 18.10
N ASP A 45 -21.14 -2.44 17.74
CA ASP A 45 -21.76 -3.69 18.15
C ASP A 45 -20.96 -4.84 17.56
N PHE A 46 -20.71 -4.74 16.28
CA PHE A 46 -19.90 -5.69 15.58
C PHE A 46 -18.59 -5.85 16.33
N MET A 47 -17.88 -4.77 16.55
CA MET A 47 -16.59 -4.85 17.25
C MET A 47 -16.71 -5.31 18.70
N GLY A 48 -17.94 -5.54 19.15
CA GLY A 48 -18.17 -6.10 20.45
C GLY A 48 -18.31 -7.60 20.31
N ARG A 49 -19.25 -8.02 19.48
CA ARG A 49 -19.46 -9.44 19.19
C ARG A 49 -18.16 -10.06 18.66
N VAL A 50 -17.45 -9.32 17.82
CA VAL A 50 -16.21 -9.79 17.21
C VAL A 50 -15.16 -10.06 18.26
N GLU A 51 -14.96 -9.13 19.18
CA GLU A 51 -13.88 -9.34 20.11
C GLU A 51 -14.26 -10.34 21.18
N VAL A 52 -15.54 -10.39 21.53
CA VAL A 52 -16.01 -11.40 22.48
C VAL A 52 -15.84 -12.77 21.83
N ALA A 53 -16.24 -12.88 20.57
CA ALA A 53 -16.09 -14.13 19.82
C ALA A 53 -14.64 -14.56 19.78
N LEU A 54 -13.79 -13.65 19.31
CA LEU A 54 -12.36 -13.91 19.21
C LEU A 54 -11.79 -14.26 20.58
N ALA A 55 -12.23 -13.53 21.60
CA ALA A 55 -11.76 -13.75 22.97
C ALA A 55 -11.94 -15.21 23.37
N GLY A 56 -12.96 -15.86 22.80
CA GLY A 56 -13.23 -17.25 23.10
C GLY A 56 -12.01 -18.13 22.99
N PHE A 57 -11.15 -17.81 22.03
CA PHE A 57 -9.92 -18.57 21.81
C PHE A 57 -8.69 -17.68 21.93
N GLY A 58 -8.71 -16.56 21.23
CA GLY A 58 -7.59 -15.63 21.26
C GLY A 58 -8.03 -14.21 21.54
N PHE A 59 -7.09 -13.36 21.93
CA PHE A 59 -7.38 -11.97 22.24
C PHE A 59 -6.10 -11.17 22.45
N THR A 60 -6.25 -9.89 22.77
CA THR A 60 -5.11 -9.02 23.00
C THR A 60 -5.53 -7.55 23.06
N THR A 64 -1.78 -10.75 20.24
CA THR A 64 -2.12 -11.16 18.88
C THR A 64 -1.94 -10.02 17.87
N ILE A 65 -1.14 -10.26 16.83
CA ILE A 65 -1.00 -9.36 15.68
C ILE A 65 -2.28 -9.31 14.86
N ALA A 66 -2.51 -8.20 14.17
CA ALA A 66 -3.69 -8.07 13.33
C ALA A 66 -3.34 -7.49 11.97
N MET A 67 -3.78 -8.17 10.91
CA MET A 67 -3.69 -7.60 9.59
C MET A 67 -5.04 -6.96 9.27
N THR A 68 -5.01 -5.71 8.84
CA THR A 68 -6.21 -5.04 8.37
C THR A 68 -6.09 -4.83 6.87
N ASN A 69 -7.14 -5.20 6.15
CA ASN A 69 -7.20 -4.91 4.75
C ASN A 69 -8.55 -4.33 4.38
N LEU A 70 -8.50 -3.06 3.99
CA LEU A 70 -9.68 -2.30 3.61
C LEU A 70 -9.33 -1.58 2.33
N CYS A 71 -10.30 -0.80 1.84
CA CYS A 71 -10.07 0.13 0.75
C CYS A 71 -9.19 1.32 1.20
N ARG A 72 -8.33 1.79 0.30
CA ARG A 72 -7.45 2.92 0.58
C ARG A 72 -8.24 4.17 0.96
N ASP A 73 -9.43 4.31 0.44
CA ASP A 73 -10.24 5.47 0.68
C ASP A 73 -10.23 5.87 2.11
N GLU A 74 -10.34 7.16 2.41
CA GLU A 74 -10.33 7.55 3.79
C GLU A 74 -11.44 7.06 4.64
N VAL A 75 -12.62 7.05 4.13
CA VAL A 75 -13.75 6.67 4.97
C VAL A 75 -13.65 5.28 5.61
N THR A 76 -12.69 4.46 5.20
CA THR A 76 -12.58 3.11 5.78
C THR A 76 -11.91 3.11 7.15
N GLN A 77 -11.34 4.25 7.52
CA GLN A 77 -10.60 4.49 8.76
C GLN A 77 -11.38 4.31 10.04
N VAL A 78 -12.66 4.50 9.98
CA VAL A 78 -13.55 4.18 11.10
C VAL A 78 -13.26 2.76 11.64
N LEU A 79 -13.48 1.73 10.81
CA LEU A 79 -13.27 0.35 11.24
C LEU A 79 -11.78 0.04 11.55
N LYS A 80 -10.87 0.63 10.77
CA LYS A 80 -9.45 0.46 11.01
C LYS A 80 -9.11 0.74 12.48
N ASP A 81 -9.30 1.98 12.92
CA ASP A 81 -8.95 2.39 14.27
C ASP A 81 -9.65 1.57 15.36
N LYS A 82 -10.91 1.20 15.11
CA LYS A 82 -11.64 0.32 16.03
C LYS A 82 -10.95 -1.03 16.15
N ILE A 83 -10.44 -1.54 15.04
CA ILE A 83 -9.75 -2.80 15.08
C ILE A 83 -8.48 -2.61 15.89
N GLU A 84 -7.69 -1.60 15.55
CA GLU A 84 -6.46 -1.31 16.26
C GLU A 84 -6.74 -1.05 17.70
N ALA A 85 -7.85 -0.41 17.94
CA ALA A 85 -8.27 -0.17 19.31
C ALA A 85 -8.13 -1.43 20.15
N ILE A 86 -8.59 -2.56 19.60
CA ILE A 86 -8.51 -3.84 20.30
C ILE A 86 -7.14 -4.50 20.18
N PHE A 87 -6.51 -4.43 19.01
CA PHE A 87 -5.20 -5.06 18.81
C PHE A 87 -4.12 -4.02 18.51
N GLY A 88 -3.20 -3.83 19.45
CA GLY A 88 -2.21 -2.80 19.32
C GLY A 88 -1.14 -3.21 18.33
N SER A 89 -0.87 -4.50 18.29
CA SER A 89 0.01 -5.03 17.27
C SER A 89 -0.79 -5.12 15.99
N SER A 90 -0.38 -4.41 14.96
CA SER A 90 -1.12 -4.43 13.72
C SER A 90 -0.26 -4.19 12.49
N PHE A 91 -0.81 -4.57 11.33
CA PHE A 91 -0.34 -3.99 10.10
C PHE A 91 -1.49 -3.87 9.10
N ASN A 92 -1.36 -2.91 8.20
CA ASN A 92 -2.40 -2.59 7.24
C ASN A 92 -1.95 -2.90 5.82
N THR A 93 -2.88 -3.38 5.00
CA THR A 93 -2.51 -3.76 3.67
C THR A 93 -3.45 -3.17 2.64
N ASN A 94 -4.06 -2.03 2.96
CA ASN A 94 -5.05 -1.42 2.07
C ASN A 94 -4.62 -1.33 0.58
N GLY A 95 -5.57 -1.64 -0.31
CA GLY A 95 -5.46 -1.39 -1.73
C GLY A 95 -6.75 -0.79 -2.29
N LEU A 96 -6.77 -0.41 -3.56
CA LEU A 96 -8.02 0.09 -4.14
C LEU A 96 -9.12 -0.98 -4.06
N GLY A 97 -10.28 -0.56 -3.54
CA GLY A 97 -11.44 -1.43 -3.31
C GLY A 97 -11.24 -2.61 -2.37
N GLY A 98 -10.05 -2.74 -1.76
CA GLY A 98 -9.77 -3.85 -0.87
C GLY A 98 -9.00 -4.99 -1.53
N VAL A 99 -8.42 -4.70 -2.69
CA VAL A 99 -7.65 -5.70 -3.42
C VAL A 99 -6.42 -6.10 -2.61
N LEU A 100 -6.13 -7.39 -2.58
CA LEU A 100 -5.01 -7.90 -1.78
C LEU A 100 -3.73 -8.03 -2.59
N THR A 101 -3.27 -6.92 -3.16
CA THR A 101 -2.05 -6.96 -3.96
C THR A 101 -0.77 -7.00 -3.11
N CYS A 102 -0.93 -6.93 -1.79
CA CYS A 102 0.19 -7.08 -0.87
C CYS A 102 0.91 -8.43 -1.01
N GLY A 103 0.26 -9.41 -1.64
CA GLY A 103 0.86 -10.71 -1.88
C GLY A 103 1.30 -11.50 -0.64
N VAL A 104 1.83 -12.69 -0.85
CA VAL A 104 2.30 -13.55 0.24
C VAL A 104 3.39 -12.85 1.05
N THR A 105 4.34 -12.24 0.35
CA THR A 105 5.44 -11.52 1.01
C THR A 105 4.91 -10.39 1.89
N GLY A 106 3.93 -9.65 1.39
CA GLY A 106 3.29 -8.62 2.18
C GLY A 106 2.74 -9.18 3.48
N MET A 107 1.95 -10.26 3.37
CA MET A 107 1.39 -10.91 4.55
C MET A 107 2.48 -11.46 5.49
N LYS A 108 3.52 -12.07 4.92
CA LYS A 108 4.63 -12.59 5.73
C LYS A 108 5.41 -11.50 6.46
N ALA A 109 5.63 -10.36 5.80
CA ALA A 109 6.40 -9.30 6.43
C ALA A 109 5.66 -8.73 7.63
N GLY A 110 4.34 -8.67 7.54
CA GLY A 110 3.52 -8.17 8.63
C GLY A 110 3.35 -9.15 9.78
N LEU A 111 3.50 -10.44 9.51
CA LEU A 111 3.24 -11.49 10.51
C LEU A 111 4.41 -11.78 11.45
N SER A 112 5.48 -10.99 11.35
CA SER A 112 6.66 -11.18 12.19
C SER A 112 6.49 -10.59 13.58
N HIS A 113 5.35 -10.87 14.21
CA HIS A 113 5.02 -10.37 15.55
C HIS A 113 5.25 -8.86 15.62
N ARG A 123 -2.49 -15.95 18.11
CA ARG A 123 -1.35 -15.57 17.31
C ARG A 123 -1.66 -14.59 16.20
N TYR A 124 -2.50 -14.96 15.25
CA TYR A 124 -2.85 -14.17 14.07
C TYR A 124 -4.35 -13.95 13.86
N VAL A 125 -4.72 -12.76 13.43
CA VAL A 125 -6.11 -12.53 13.04
C VAL A 125 -6.25 -11.58 11.86
N PHE A 126 -7.02 -12.00 10.86
CA PHE A 126 -7.13 -11.29 9.59
C PHE A 126 -8.49 -10.62 9.37
N PHE A 127 -8.47 -9.32 9.11
CA PHE A 127 -9.69 -8.57 8.81
C PHE A 127 -9.73 -8.13 7.34
N ALA A 128 -10.80 -8.52 6.63
CA ALA A 128 -10.99 -8.11 5.24
C ALA A 128 -12.42 -7.63 4.93
N PHE A 129 -12.55 -6.41 4.41
CA PHE A 129 -13.84 -5.84 4.03
C PHE A 129 -13.66 -4.86 2.88
N PRO A 130 -14.36 -5.09 1.77
CA PRO A 130 -14.68 -3.94 0.90
C PRO A 130 -15.69 -3.03 1.60
N HIS A 131 -16.23 -2.05 0.88
CA HIS A 131 -17.19 -1.13 1.48
C HIS A 131 -18.15 -0.53 0.47
N ILE A 132 -19.08 0.28 0.96
CA ILE A 132 -20.07 0.93 0.12
C ILE A 132 -20.76 2.02 0.93
N ALA A 133 -21.30 3.03 0.25
CA ALA A 133 -22.10 4.11 0.89
C ALA A 133 -23.48 4.21 0.25
N CYS A 153 -20.58 8.63 -2.86
CA CYS A 153 -19.64 7.80 -3.57
C CYS A 153 -19.17 6.71 -2.65
N ALA A 154 -19.63 5.49 -2.87
CA ALA A 154 -19.28 4.34 -2.05
C ALA A 154 -17.90 4.06 -2.40
N CYS A 155 -17.61 2.84 -2.75
CA CYS A 155 -16.26 2.56 -3.22
C CYS A 155 -16.18 2.99 -4.68
N GLY A 156 -15.56 4.15 -4.91
CA GLY A 156 -15.33 4.66 -6.26
C GLY A 156 -14.75 3.62 -7.20
N ALA A 157 -13.93 2.72 -6.64
CA ALA A 157 -13.32 1.64 -7.38
C ALA A 157 -14.33 0.59 -7.85
N LEU A 158 -15.14 0.11 -6.92
CA LEU A 158 -16.16 -0.87 -7.28
C LEU A 158 -17.18 -0.26 -8.24
N LEU A 159 -17.50 1.02 -8.04
CA LEU A 159 -18.43 1.69 -8.96
C LEU A 159 -17.80 1.92 -10.33
N ALA A 160 -16.48 1.93 -10.39
CA ALA A 160 -15.77 2.11 -11.63
C ALA A 160 -15.72 0.79 -12.36
N ILE A 161 -15.55 -0.28 -11.59
CA ILE A 161 -15.51 -1.59 -12.21
C ILE A 161 -16.91 -1.96 -12.63
N LEU A 162 -17.90 -1.64 -11.79
CA LEU A 162 -19.31 -1.85 -12.12
C LEU A 162 -19.71 -1.15 -13.41
N ASN A 163 -19.38 0.12 -13.53
CA ASN A 163 -19.70 0.84 -14.74
C ASN A 163 -19.11 0.11 -15.87
N ALA A 164 -17.93 -0.43 -15.66
CA ALA A 164 -17.24 -1.15 -16.72
C ALA A 164 -17.88 -2.49 -17.04
N PHE A 165 -18.07 -3.32 -16.03
CA PHE A 165 -18.65 -4.60 -16.26
C PHE A 165 -19.93 -4.57 -17.05
N LYS A 166 -20.64 -3.45 -17.05
CA LYS A 166 -21.88 -3.41 -17.80
C LYS A 166 -21.78 -2.45 -18.98
N VAL A 167 -20.57 -2.30 -19.51
CA VAL A 167 -20.38 -1.59 -20.76
C VAL A 167 -19.41 -2.40 -21.63
N ASP A 168 -18.78 -3.43 -21.07
CA ASP A 168 -17.94 -4.34 -21.86
C ASP A 168 -18.26 -5.81 -21.62
N PRO A 177 -5.60 -12.94 -16.83
CA PRO A 177 -4.77 -13.98 -16.20
C PRO A 177 -3.38 -13.51 -15.75
N GLY A 178 -3.25 -12.99 -14.53
CA GLY A 178 -1.98 -12.50 -14.00
C GLY A 178 -1.50 -11.27 -14.73
N VAL A 179 -2.47 -10.43 -15.10
CA VAL A 179 -2.29 -9.36 -16.06
C VAL A 179 -2.82 -8.09 -15.40
N HIS A 180 -2.33 -6.93 -15.82
CA HIS A 180 -2.84 -5.68 -15.26
C HIS A 180 -2.51 -4.48 -16.13
N ASP A 181 -3.32 -3.45 -16.04
CA ASP A 181 -2.94 -2.16 -16.58
C ASP A 181 -1.84 -1.60 -15.69
N PRO A 182 -0.69 -1.23 -16.29
CA PRO A 182 0.37 -0.55 -15.51
C PRO A 182 -0.10 0.79 -14.93
N LEU A 183 -1.07 1.44 -15.57
CA LEU A 183 -1.49 2.76 -15.11
C LEU A 183 -2.53 2.65 -13.99
N ASP A 184 -3.04 1.44 -13.76
CA ASP A 184 -3.92 1.20 -12.63
C ASP A 184 -3.85 -0.24 -12.12
N PRO A 185 -2.69 -0.63 -11.58
CA PRO A 185 -2.52 -2.04 -11.23
C PRO A 185 -3.53 -2.57 -10.21
N GLU A 186 -3.72 -1.89 -9.08
CA GLU A 186 -4.67 -2.36 -8.07
C GLU A 186 -6.09 -2.41 -8.63
N LEU A 187 -6.49 -1.34 -9.31
CA LEU A 187 -7.81 -1.25 -9.90
C LEU A 187 -8.08 -2.41 -10.83
N THR A 188 -7.23 -2.56 -11.84
CA THR A 188 -7.49 -3.58 -12.86
C THR A 188 -7.18 -4.98 -12.38
N ILE A 189 -6.41 -5.12 -11.32
CA ILE A 189 -6.21 -6.45 -10.78
C ILE A 189 -7.52 -6.88 -10.13
N LEU A 190 -8.06 -6.05 -9.26
CA LEU A 190 -9.35 -6.31 -8.65
C LEU A 190 -10.43 -6.50 -9.71
N GLN A 191 -10.39 -5.67 -10.76
CA GLN A 191 -11.35 -5.74 -11.86
C GLN A 191 -11.37 -7.12 -12.52
N GLN A 192 -10.18 -7.69 -12.71
CA GLN A 192 -10.06 -9.03 -13.23
C GLN A 192 -10.59 -10.09 -12.27
N ARG A 193 -10.23 -9.98 -11.00
CA ARG A 193 -10.63 -10.98 -10.02
C ARG A 193 -12.15 -10.99 -9.80
N LEU A 194 -12.78 -9.83 -9.99
CA LEU A 194 -14.23 -9.70 -9.90
C LEU A 194 -14.90 -10.32 -11.11
N ALA A 195 -14.30 -10.14 -12.28
CA ALA A 195 -14.79 -10.73 -13.54
C ALA A 195 -14.88 -12.24 -13.41
N ARG A 196 -13.82 -12.83 -12.88
CA ARG A 196 -13.79 -14.26 -12.62
C ARG A 196 -14.87 -14.63 -11.61
N ARG A 197 -14.96 -13.89 -10.50
CA ARG A 197 -16.00 -14.17 -9.52
C ARG A 197 -17.38 -13.98 -10.15
N VAL A 198 -17.54 -12.94 -10.96
CA VAL A 198 -18.80 -12.67 -11.62
C VAL A 198 -19.18 -13.83 -12.53
N ARG A 199 -18.25 -14.27 -13.38
CA ARG A 199 -18.50 -15.34 -14.35
C ARG A 199 -18.70 -16.71 -13.70
N TYR A 200 -17.97 -16.95 -12.62
CA TYR A 200 -18.04 -18.19 -11.85
C TYR A 200 -19.43 -18.38 -11.29
N GLU A 201 -19.82 -17.42 -10.47
CA GLU A 201 -21.09 -17.41 -9.76
C GLU A 201 -22.29 -17.38 -10.71
N LYS A 202 -22.02 -17.14 -11.99
CA LYS A 202 -23.02 -17.06 -13.06
C LYS A 202 -23.95 -15.87 -12.81
N LEU A 203 -23.43 -14.67 -13.03
CA LEU A 203 -24.21 -13.45 -12.81
C LEU A 203 -24.51 -12.68 -14.09
N ASP A 204 -25.74 -12.20 -14.18
CA ASP A 204 -26.11 -11.31 -15.27
C ASP A 204 -25.64 -9.90 -14.96
N VAL A 205 -24.71 -9.41 -15.76
CA VAL A 205 -24.05 -8.14 -15.51
C VAL A 205 -25.03 -6.97 -15.68
N SER A 206 -25.94 -7.11 -16.63
CA SER A 206 -27.05 -6.18 -16.80
C SER A 206 -27.83 -6.08 -15.49
N LYS A 207 -27.98 -7.19 -14.82
CA LYS A 207 -28.72 -7.24 -13.58
C LYS A 207 -27.89 -6.85 -12.37
N LEU A 208 -26.58 -6.91 -12.48
CA LEU A 208 -25.71 -6.57 -11.37
C LEU A 208 -25.67 -5.09 -11.05
N ASP A 209 -25.87 -4.79 -9.78
CA ASP A 209 -25.85 -3.43 -9.28
C ASP A 209 -24.70 -3.27 -8.30
N LEU A 210 -24.73 -2.19 -7.52
CA LEU A 210 -23.59 -1.88 -6.67
C LEU A 210 -23.48 -2.74 -5.41
N PRO A 211 -24.61 -3.05 -4.74
CA PRO A 211 -24.39 -3.89 -3.56
C PRO A 211 -24.10 -5.35 -3.93
N GLY A 212 -24.51 -5.77 -5.12
CA GLY A 212 -24.23 -7.11 -5.59
C GLY A 212 -22.74 -7.29 -5.81
N LEU A 213 -22.15 -6.35 -6.56
CA LEU A 213 -20.74 -6.41 -6.88
C LEU A 213 -19.92 -6.26 -5.61
N THR A 214 -20.46 -5.53 -4.64
CA THR A 214 -19.76 -5.30 -3.38
C THR A 214 -19.69 -6.63 -2.61
N SER A 215 -20.78 -7.37 -2.68
CA SER A 215 -20.91 -8.64 -1.99
C SER A 215 -20.02 -9.70 -2.64
N VAL A 216 -20.06 -9.71 -3.98
CA VAL A 216 -19.11 -10.46 -4.78
C VAL A 216 -17.68 -10.18 -4.32
N ALA A 217 -17.34 -8.90 -4.27
CA ALA A 217 -16.01 -8.45 -3.91
C ALA A 217 -15.65 -8.95 -2.52
N GLU A 218 -16.65 -9.09 -1.66
CA GLU A 218 -16.43 -9.67 -0.34
C GLU A 218 -16.03 -11.14 -0.49
N ARG A 219 -16.59 -11.84 -1.46
CA ARG A 219 -16.23 -13.24 -1.64
C ARG A 219 -14.84 -13.34 -2.28
N THR A 220 -14.64 -12.57 -3.35
CA THR A 220 -13.33 -12.42 -3.99
C THR A 220 -12.19 -12.14 -2.97
N ILE A 221 -12.36 -11.07 -2.18
CA ILE A 221 -11.36 -10.64 -1.20
C ILE A 221 -11.08 -11.72 -0.17
N THR A 222 -12.10 -12.52 0.15
CA THR A 222 -11.96 -13.50 1.21
C THR A 222 -11.12 -14.72 0.84
N ASP A 223 -11.42 -15.34 -0.29
CA ASP A 223 -10.64 -16.53 -0.59
C ASP A 223 -9.27 -16.11 -1.09
N ASP A 224 -9.19 -14.95 -1.76
CA ASP A 224 -7.90 -14.29 -1.97
C ASP A 224 -7.10 -14.27 -0.68
N LEU A 225 -7.70 -13.71 0.35
CA LEU A 225 -7.10 -13.69 1.66
C LEU A 225 -6.74 -15.10 2.09
N GLU A 226 -7.63 -16.02 1.81
CA GLU A 226 -7.45 -17.39 2.25
C GLU A 226 -6.29 -18.07 1.50
N TYR A 227 -6.19 -17.80 0.21
CA TYR A 227 -5.12 -18.33 -0.61
C TYR A 227 -3.82 -17.83 -0.03
N LEU A 228 -3.74 -16.55 0.31
CA LEU A 228 -2.57 -15.96 0.92
C LEU A 228 -2.27 -16.65 2.25
N ILE A 229 -3.29 -16.91 3.05
CA ILE A 229 -3.11 -17.37 4.43
C ILE A 229 -2.29 -18.69 4.61
N GLU A 230 -2.77 -19.87 4.23
CA GLU A 230 -1.94 -21.04 4.53
C GLU A 230 -0.98 -21.33 3.39
N LYS A 231 -0.61 -20.27 2.67
CA LYS A 231 0.73 -20.15 2.12
C LYS A 231 1.60 -19.54 3.22
N ALA A 232 1.07 -18.50 3.85
CA ALA A 232 1.86 -17.70 4.79
C ALA A 232 1.91 -18.31 6.17
N VAL A 233 0.90 -19.09 6.50
CA VAL A 233 0.64 -19.48 7.88
C VAL A 233 0.61 -21.00 8.04
N ASP A 234 1.32 -21.53 9.04
CA ASP A 234 1.29 -22.97 9.27
C ASP A 234 0.52 -23.29 10.53
N PRO A 235 -0.67 -23.88 10.35
CA PRO A 235 -1.62 -24.27 11.39
C PRO A 235 -1.02 -25.18 12.45
N ALA A 236 -0.04 -26.00 12.08
CA ALA A 236 0.60 -26.89 13.04
C ALA A 236 1.38 -26.08 14.06
N VAL A 237 1.58 -24.81 13.77
CA VAL A 237 2.41 -23.96 14.61
C VAL A 237 1.72 -22.65 15.03
N ALA A 238 0.65 -22.26 14.33
CA ALA A 238 -0.02 -20.99 14.66
C ALA A 238 -1.53 -21.09 14.68
N ASP A 239 -2.15 -20.42 15.63
CA ASP A 239 -3.58 -20.13 15.56
C ASP A 239 -3.77 -18.83 14.79
N TYR A 240 -4.74 -18.83 13.88
CA TYR A 240 -5.11 -17.61 13.21
C TYR A 240 -6.62 -17.49 13.17
N ALA A 241 -7.12 -16.32 12.78
CA ALA A 241 -8.56 -16.09 12.73
C ALA A 241 -8.91 -15.20 11.53
N VAL A 242 -10.16 -15.29 11.10
CA VAL A 242 -10.60 -14.60 9.89
C VAL A 242 -11.91 -13.87 10.13
N ILE A 243 -11.89 -12.55 9.92
CA ILE A 243 -13.10 -11.76 10.02
C ILE A 243 -13.27 -10.99 8.73
N THR A 244 -14.37 -11.26 8.04
CA THR A 244 -14.64 -10.61 6.79
C THR A 244 -16.05 -10.08 6.82
N GLY A 245 -16.49 -9.48 5.71
CA GLY A 245 -17.77 -8.79 5.71
C GLY A 245 -17.71 -7.53 4.86
N VAL A 246 -18.74 -6.70 4.99
CA VAL A 246 -18.90 -5.54 4.13
C VAL A 246 -19.15 -4.31 4.99
N GLN A 247 -18.31 -3.29 4.80
CA GLN A 247 -18.49 -2.01 5.48
C GLN A 247 -19.56 -1.16 4.78
N ILE A 248 -20.49 -0.62 5.57
CA ILE A 248 -21.62 0.15 5.04
C ILE A 248 -21.75 1.48 5.76
N HIS A 249 -21.88 2.58 5.04
CA HIS A 249 -21.72 3.89 5.68
C HIS A 249 -23.01 4.50 6.27
N ASN A 250 -24.01 4.79 5.46
CA ASN A 250 -25.27 5.33 6.01
C ASN A 250 -26.51 4.59 5.51
N GLU A 264 -22.14 4.43 10.69
CA GLU A 264 -21.20 3.42 10.22
C GLU A 264 -21.67 2.02 10.55
N PHE A 265 -21.91 1.25 9.51
CA PHE A 265 -22.43 -0.11 9.60
C PHE A 265 -21.49 -1.18 9.04
N VAL A 266 -21.47 -2.34 9.68
CA VAL A 266 -20.75 -3.49 9.14
C VAL A 266 -21.65 -4.74 8.97
N ALA A 267 -21.81 -5.20 7.73
CA ALA A 267 -22.46 -6.49 7.45
C ALA A 267 -21.39 -7.57 7.26
N PRO A 268 -21.18 -8.38 8.28
CA PRO A 268 -20.12 -9.38 8.33
C PRO A 268 -20.41 -10.51 7.34
N ALA A 269 -19.45 -11.38 7.07
CA ALA A 269 -19.70 -12.54 6.20
C ALA A 269 -19.07 -13.87 6.50
N LYS A 270 -17.80 -14.02 6.25
CA LYS A 270 -17.09 -15.27 6.50
C LYS A 270 -16.27 -14.92 7.74
N CYS A 271 -16.51 -15.64 8.83
CA CYS A 271 -15.72 -15.45 10.03
C CYS A 271 -15.40 -16.77 10.69
N TYR A 272 -14.13 -17.07 10.86
CA TYR A 272 -13.78 -18.28 11.56
C TYR A 272 -12.52 -18.14 12.34
N THR A 273 -12.33 -19.08 13.24
CA THR A 273 -11.10 -19.23 13.96
C THR A 273 -10.49 -20.58 13.61
N VAL A 274 -9.17 -20.65 13.64
CA VAL A 274 -8.48 -21.91 13.57
C VAL A 274 -7.53 -21.95 14.76
N VAL A 275 -7.84 -22.84 15.70
CA VAL A 275 -7.10 -22.92 16.94
C VAL A 275 -6.51 -24.29 17.12
N ASN A 276 -5.20 -24.35 17.34
CA ASN A 276 -4.53 -25.61 17.61
C ASN A 276 -4.78 -26.70 16.57
N GLY A 277 -5.39 -26.33 15.44
CA GLY A 277 -5.77 -27.27 14.42
C GLY A 277 -7.23 -27.15 13.98
N LEU A 278 -8.13 -26.98 14.96
CA LEU A 278 -9.56 -27.04 14.68
C LEU A 278 -10.14 -25.73 14.20
N LYS A 279 -10.87 -25.80 13.10
CA LYS A 279 -11.48 -24.63 12.49
C LYS A 279 -12.94 -24.48 12.92
N THR A 280 -13.25 -23.33 13.53
CA THR A 280 -14.62 -23.07 13.95
C THR A 280 -15.17 -21.82 13.28
N TYR A 281 -15.99 -22.04 12.25
CA TYR A 281 -16.75 -20.95 11.63
C TYR A 281 -17.61 -20.19 12.65
N ILE A 282 -17.97 -18.94 12.35
CA ILE A 282 -18.70 -18.09 13.29
C ILE A 282 -19.75 -17.22 12.60
N ASP A 283 -20.97 -17.25 13.09
CA ASP A 283 -22.05 -16.50 12.49
C ASP A 283 -22.61 -15.52 13.45
N LEU A 284 -22.65 -14.25 13.04
CA LEU A 284 -23.18 -13.20 13.89
C LEU A 284 -24.42 -12.53 13.27
N PRO A 285 -25.69 -12.78 13.80
CA PRO A 285 -25.76 -13.69 14.96
C PRO A 285 -26.18 -15.10 14.54
N GLN B 28 30.26 6.98 16.32
CA GLN B 28 29.14 6.93 17.24
C GLN B 28 28.69 8.33 17.65
N ARG B 29 28.93 9.31 16.78
CA ARG B 29 28.56 10.69 17.05
C ARG B 29 27.38 11.11 16.20
N HIS B 30 27.67 11.70 15.04
CA HIS B 30 26.63 12.15 14.12
C HIS B 30 25.99 10.97 13.39
N SER B 31 26.69 9.84 13.37
CA SER B 31 26.19 8.65 12.71
C SER B 31 25.84 8.94 11.24
N GLU B 32 26.78 9.52 10.51
CA GLU B 32 26.57 9.85 9.15
C GLU B 32 27.78 9.38 8.31
N LEU B 33 27.99 8.07 8.28
CA LEU B 33 29.04 7.44 7.51
C LEU B 33 28.12 6.86 6.48
N ILE B 34 26.91 7.42 6.45
CA ILE B 34 25.89 7.00 5.51
C ILE B 34 26.19 7.65 4.16
N LYS B 35 27.40 8.12 3.96
CA LYS B 35 27.58 8.75 2.69
C LYS B 35 27.29 7.88 1.50
N HIS B 36 26.86 6.61 1.73
CA HIS B 36 26.27 5.78 0.68
C HIS B 36 25.32 6.62 -0.17
N PHE B 37 24.87 7.74 0.38
CA PHE B 37 23.99 8.58 -0.35
C PHE B 37 24.48 9.95 0.12
N PRO B 38 25.26 10.60 -0.71
CA PRO B 38 25.88 11.91 -0.48
C PRO B 38 24.92 12.96 0.07
N SER B 39 23.65 12.86 -0.32
CA SER B 39 22.66 13.85 0.06
C SER B 39 22.04 13.64 1.45
N THR B 40 22.44 12.58 2.16
CA THR B 40 21.84 12.24 3.47
C THR B 40 21.68 13.38 4.50
N MET B 41 20.46 13.52 5.04
CA MET B 41 20.14 14.45 6.14
C MET B 41 19.41 13.78 7.28
N GLY B 42 19.47 14.38 8.46
CA GLY B 42 18.47 14.10 9.48
C GLY B 42 17.06 14.33 8.94
N VAL B 43 16.13 13.48 9.36
CA VAL B 43 14.77 13.56 8.83
C VAL B 43 14.12 14.91 9.19
N ASP B 44 14.38 15.44 10.38
CA ASP B 44 13.89 16.75 10.79
C ASP B 44 14.58 17.88 10.01
N ASP B 45 15.90 17.83 9.96
CA ASP B 45 16.67 18.68 9.07
C ASP B 45 16.03 18.68 7.68
N PHE B 46 15.81 17.46 7.15
CA PHE B 46 15.16 17.27 5.86
C PHE B 46 13.79 17.96 5.74
N MET B 47 12.91 17.69 6.71
CA MET B 47 11.56 18.26 6.67
C MET B 47 11.57 19.78 6.71
N GLY B 48 12.51 20.35 7.46
CA GLY B 48 12.66 21.79 7.47
C GLY B 48 12.95 22.40 6.11
N ARG B 49 13.94 21.88 5.42
CA ARG B 49 14.30 22.42 4.11
C ARG B 49 13.10 22.43 3.18
N VAL B 50 12.36 21.33 3.22
CA VAL B 50 11.16 21.14 2.40
C VAL B 50 10.13 22.24 2.58
N GLU B 51 9.73 22.48 3.83
CA GLU B 51 8.70 23.49 4.02
C GLU B 51 9.24 24.89 3.80
N VAL B 52 10.53 25.08 4.06
CA VAL B 52 11.18 26.31 3.61
C VAL B 52 11.02 26.43 2.10
N ALA B 53 11.69 25.56 1.37
CA ALA B 53 11.61 25.60 -0.08
C ALA B 53 10.16 25.65 -0.56
N LEU B 54 9.28 24.86 0.05
CA LEU B 54 7.89 24.85 -0.36
C LEU B 54 7.10 26.15 -0.04
N ALA B 55 7.37 26.76 1.12
CA ALA B 55 6.78 28.06 1.43
C ALA B 55 7.20 29.09 0.38
N GLY B 56 8.46 29.04 -0.05
CA GLY B 56 8.93 29.89 -1.13
C GLY B 56 8.02 29.85 -2.36
N PHE B 57 7.41 28.69 -2.62
CA PHE B 57 6.57 28.55 -3.81
C PHE B 57 5.08 28.55 -3.53
N GLY B 58 4.70 28.89 -2.32
CA GLY B 58 3.30 29.07 -1.99
C GLY B 58 2.67 27.85 -1.35
N PHE B 59 3.48 26.91 -0.92
CA PHE B 59 2.94 25.74 -0.29
C PHE B 59 3.13 25.77 1.20
N THR B 60 2.08 25.39 1.88
CA THR B 60 2.02 25.27 3.33
C THR B 60 1.02 24.17 3.67
N GLY B 61 0.93 23.82 4.95
CA GLY B 61 -0.11 22.89 5.39
C GLY B 61 -1.50 23.52 5.22
N ASP B 62 -1.48 24.79 4.82
CA ASP B 62 -2.67 25.63 4.69
C ASP B 62 -3.44 25.29 3.41
N ASN B 63 -2.73 25.31 2.28
CA ASN B 63 -3.36 25.28 0.98
C ASN B 63 -3.08 24.03 0.15
N THR B 64 -2.26 23.13 0.67
CA THR B 64 -1.78 21.99 -0.10
C THR B 64 -2.32 20.68 0.45
N ILE B 65 -2.56 19.70 -0.42
CA ILE B 65 -2.75 18.33 0.05
C ILE B 65 -1.52 17.50 -0.31
N ALA B 66 -1.04 16.75 0.68
CA ALA B 66 0.11 15.86 0.52
C ALA B 66 -0.29 14.42 0.21
N MET B 67 0.35 13.83 -0.79
CA MET B 67 0.28 12.40 -1.00
C MET B 67 1.64 11.81 -0.60
N THR B 68 1.58 10.80 0.26
CA THR B 68 2.80 10.13 0.68
C THR B 68 2.77 8.75 0.13
N ASN B 69 3.93 8.30 -0.35
CA ASN B 69 4.10 6.96 -0.82
C ASN B 69 5.37 6.38 -0.25
N LEU B 70 5.21 5.44 0.67
CA LEU B 70 6.36 4.77 1.28
C LEU B 70 6.19 3.29 1.07
N CYS B 71 7.12 2.51 1.60
CA CYS B 71 6.90 1.09 1.73
C CYS B 71 5.88 0.84 2.83
N ARG B 72 5.17 -0.27 2.70
CA ARG B 72 4.15 -0.65 3.65
C ARG B 72 4.72 -0.97 5.03
N ASP B 73 5.96 -1.37 5.11
CA ASP B 73 6.50 -1.71 6.40
C ASP B 73 6.37 -0.61 7.44
N GLU B 74 6.12 -1.01 8.66
CA GLU B 74 5.97 -0.13 9.79
C GLU B 74 7.15 0.77 10.12
N VAL B 75 8.36 0.37 9.78
CA VAL B 75 9.55 1.17 10.02
C VAL B 75 9.52 2.50 9.25
N THR B 76 8.64 2.63 8.26
CA THR B 76 8.59 3.89 7.51
C THR B 76 7.66 4.94 8.14
N GLN B 77 6.94 4.56 9.19
CA GLN B 77 5.91 5.41 9.76
C GLN B 77 6.46 6.75 10.29
N VAL B 78 7.74 6.80 10.66
CA VAL B 78 8.32 8.02 11.23
C VAL B 78 8.35 9.16 10.20
N LEU B 79 8.66 8.83 8.96
CA LEU B 79 8.70 9.84 7.89
C LEU B 79 7.29 10.30 7.54
N LYS B 80 6.35 9.35 7.46
CA LYS B 80 4.96 9.65 7.12
C LYS B 80 4.33 10.52 8.19
N ASP B 81 4.67 10.24 9.45
CA ASP B 81 4.22 11.07 10.56
C ASP B 81 4.77 12.52 10.54
N LYS B 82 6.06 12.70 10.26
CA LYS B 82 6.66 14.03 10.11
C LYS B 82 5.97 14.83 9.00
N ILE B 83 5.62 14.17 7.90
CA ILE B 83 5.04 14.85 6.73
C ILE B 83 3.64 15.33 7.02
N GLU B 84 2.89 14.49 7.72
CA GLU B 84 1.52 14.77 8.09
C GLU B 84 1.49 15.76 9.25
N ALA B 85 2.57 15.81 10.02
CA ALA B 85 2.71 16.82 11.07
C ALA B 85 2.68 18.22 10.45
N ILE B 86 3.30 18.34 9.27
CA ILE B 86 3.31 19.59 8.51
C ILE B 86 2.08 19.72 7.60
N PHE B 87 1.58 18.59 7.09
CA PHE B 87 0.50 18.60 6.10
C PHE B 87 -0.76 17.87 6.59
N GLY B 88 -1.72 18.64 7.11
CA GLY B 88 -2.97 18.12 7.66
C GLY B 88 -3.79 17.34 6.67
N SER B 89 -4.17 17.99 5.57
CA SER B 89 -4.72 17.29 4.41
C SER B 89 -3.67 16.36 3.78
N SER B 90 -3.74 15.07 4.11
CA SER B 90 -2.80 14.10 3.53
C SER B 90 -3.45 12.77 3.20
N PHE B 91 -2.98 12.11 2.15
CA PHE B 91 -3.35 10.71 1.95
C PHE B 91 -2.15 9.84 1.60
N ASN B 92 -2.27 8.56 1.95
CA ASN B 92 -1.15 7.63 1.85
C ASN B 92 -1.38 6.45 0.89
N THR B 93 -0.41 6.21 0.01
CA THR B 93 -0.54 5.19 -1.01
C THR B 93 0.55 4.10 -0.93
N ASN B 94 1.03 3.81 0.27
CA ASN B 94 2.14 2.87 0.42
C ASN B 94 1.93 1.52 -0.26
N GLY B 95 2.93 1.09 -1.01
CA GLY B 95 2.94 -0.23 -1.63
C GLY B 95 4.14 -1.00 -1.16
N LEU B 96 4.16 -2.30 -1.45
CA LEU B 96 5.30 -3.11 -1.02
C LEU B 96 6.60 -2.53 -1.59
N GLY B 97 7.62 -2.40 -0.76
CA GLY B 97 8.88 -1.77 -1.13
C GLY B 97 8.75 -0.36 -1.71
N GLY B 98 7.58 0.24 -1.53
CA GLY B 98 7.30 1.57 -2.07
C GLY B 98 6.77 1.60 -3.50
N VAL B 99 6.38 0.44 -4.04
CA VAL B 99 5.89 0.38 -5.42
C VAL B 99 4.57 1.12 -5.46
N LEU B 100 4.25 1.76 -6.58
CA LEU B 100 3.03 2.56 -6.73
C LEU B 100 1.93 1.80 -7.49
N THR B 101 1.30 0.85 -6.83
CA THR B 101 0.28 0.04 -7.47
C THR B 101 -1.14 0.64 -7.34
N CYS B 102 -1.25 1.77 -6.63
CA CYS B 102 -2.50 2.52 -6.52
C CYS B 102 -2.91 3.06 -7.88
N GLY B 103 -1.92 3.23 -8.76
CA GLY B 103 -2.19 3.73 -10.10
C GLY B 103 -2.87 5.08 -10.18
N VAL B 104 -3.36 5.40 -11.37
CA VAL B 104 -3.90 6.71 -11.71
C VAL B 104 -5.25 6.97 -11.04
N THR B 105 -5.96 5.90 -10.71
CA THR B 105 -7.21 6.03 -9.96
C THR B 105 -6.92 6.19 -8.48
N GLY B 106 -5.92 5.47 -8.00
CA GLY B 106 -5.54 5.52 -6.61
C GLY B 106 -5.08 6.92 -6.27
N MET B 107 -4.39 7.56 -7.22
CA MET B 107 -3.93 8.92 -7.02
C MET B 107 -5.08 9.93 -7.04
N LYS B 108 -5.93 9.86 -8.05
CA LYS B 108 -7.05 10.78 -8.19
C LYS B 108 -8.02 10.68 -7.04
N ALA B 109 -8.20 9.49 -6.50
CA ALA B 109 -9.00 9.25 -5.31
C ALA B 109 -8.55 10.14 -4.14
N GLY B 110 -7.24 10.25 -3.95
CA GLY B 110 -6.69 10.99 -2.83
C GLY B 110 -6.74 12.48 -3.01
N LEU B 111 -6.61 12.95 -4.25
CA LEU B 111 -6.54 14.38 -4.52
C LEU B 111 -7.95 14.97 -4.61
N SER B 112 -8.93 14.19 -4.16
CA SER B 112 -10.33 14.62 -4.21
C SER B 112 -10.99 14.55 -2.83
N GLU B 122 -6.16 21.96 -5.44
CA GLU B 122 -5.52 22.92 -6.32
C GLU B 122 -4.00 23.04 -6.06
N ARG B 123 -3.55 22.60 -4.89
CA ARG B 123 -2.15 22.57 -4.56
C ARG B 123 -1.88 21.17 -4.02
N TYR B 124 -0.96 20.46 -4.65
CA TYR B 124 -0.64 19.09 -4.30
C TYR B 124 0.86 18.92 -4.06
N VAL B 125 1.22 18.14 -3.06
CA VAL B 125 2.62 17.81 -2.91
C VAL B 125 2.74 16.31 -2.77
N PHE B 126 3.57 15.73 -3.64
CA PHE B 126 3.82 14.31 -3.68
C PHE B 126 5.16 13.98 -3.04
N PHE B 127 5.16 13.11 -2.03
CA PHE B 127 6.40 12.56 -1.46
C PHE B 127 6.50 11.07 -1.79
N ALA B 128 7.59 10.67 -2.43
CA ALA B 128 7.84 9.25 -2.71
C ALA B 128 9.25 8.80 -2.29
N PHE B 129 9.32 7.71 -1.53
CA PHE B 129 10.56 7.20 -0.97
C PHE B 129 10.55 5.68 -0.81
N PRO B 130 11.57 4.99 -1.35
CA PRO B 130 12.02 3.70 -0.82
C PRO B 130 12.80 3.94 0.44
N HIS B 131 13.48 2.93 0.96
CA HIS B 131 13.81 3.05 2.37
C HIS B 131 14.81 1.92 2.66
N ILE B 132 15.78 2.22 3.51
CA ILE B 132 16.90 1.32 3.75
C ILE B 132 17.34 1.52 5.18
N ALA B 133 17.90 0.47 5.76
CA ALA B 133 18.33 0.54 7.14
C ALA B 133 19.83 0.23 7.18
N ILE B 134 20.56 0.98 8.01
CA ILE B 134 21.99 0.79 8.15
C ILE B 134 22.44 0.99 9.60
N ASN B 135 23.02 -0.04 10.19
CA ASN B 135 23.49 0.03 11.56
C ASN B 135 24.70 0.94 11.71
N SER B 136 25.89 0.35 11.67
CA SER B 136 27.13 1.10 11.80
C SER B 136 28.35 0.20 11.64
N GLU B 137 28.54 -0.38 10.45
CA GLU B 137 27.63 -0.18 9.32
C GLU B 137 26.92 -1.49 8.94
N GLY B 138 26.52 -2.24 9.95
CA GLY B 138 25.84 -3.51 9.74
C GLY B 138 26.45 -4.64 10.55
N SER B 152 12.84 -5.66 10.93
CA SER B 152 14.02 -6.45 11.21
C SER B 152 14.91 -6.44 9.99
N CYS B 153 14.30 -6.30 8.83
CA CYS B 153 15.05 -6.26 7.57
C CYS B 153 14.70 -5.02 6.79
N ALA B 154 15.66 -4.08 6.60
CA ALA B 154 15.59 -2.80 5.84
C ALA B 154 14.41 -2.82 5.00
N CYS B 155 14.65 -2.95 3.72
CA CYS B 155 13.47 -3.25 2.94
C CYS B 155 13.49 -4.71 2.54
N GLY B 156 12.48 -5.43 3.01
CA GLY B 156 12.34 -6.86 2.76
C GLY B 156 12.31 -7.20 1.28
N ALA B 157 11.47 -6.47 0.56
CA ALA B 157 11.35 -6.63 -0.88
C ALA B 157 12.66 -6.39 -1.59
N LEU B 158 13.30 -5.27 -1.30
CA LEU B 158 14.55 -4.96 -1.97
C LEU B 158 15.64 -5.99 -1.63
N LEU B 159 15.57 -6.61 -0.46
CA LEU B 159 16.56 -7.63 -0.12
C LEU B 159 16.39 -8.87 -0.98
N ALA B 160 15.13 -9.34 -1.09
CA ALA B 160 14.81 -10.53 -1.88
C ALA B 160 15.09 -10.27 -3.34
N ILE B 161 14.74 -9.08 -3.82
CA ILE B 161 14.95 -8.73 -5.22
C ILE B 161 16.44 -8.72 -5.60
N LEU B 162 17.27 -8.00 -4.84
CA LEU B 162 18.72 -8.01 -5.07
C LEU B 162 19.25 -9.43 -5.20
N ASN B 163 18.80 -10.30 -4.31
CA ASN B 163 19.15 -11.72 -4.40
C ASN B 163 18.67 -12.33 -5.70
N ALA B 164 17.43 -12.04 -6.06
CA ALA B 164 16.88 -12.53 -7.30
C ALA B 164 17.77 -12.15 -8.47
N PHE B 165 18.15 -10.87 -8.51
CA PHE B 165 19.03 -10.36 -9.57
C PHE B 165 20.42 -10.97 -9.47
N LYS B 166 20.77 -11.46 -8.28
CA LYS B 166 22.12 -11.96 -8.06
C LYS B 166 22.25 -13.42 -8.44
N VAL B 167 21.32 -14.24 -7.95
CA VAL B 167 21.28 -15.66 -8.28
C VAL B 167 20.78 -15.91 -9.72
N ASP B 168 19.49 -15.72 -9.96
CA ASP B 168 18.96 -15.76 -11.33
C ASP B 168 19.48 -14.52 -12.04
N GLY B 169 19.24 -14.38 -13.34
CA GLY B 169 19.66 -13.16 -14.01
C GLY B 169 18.91 -11.92 -13.53
N VAL B 170 19.38 -10.73 -13.90
CA VAL B 170 18.47 -9.59 -13.87
C VAL B 170 17.49 -9.80 -15.01
N GLU B 171 17.95 -10.54 -16.01
CA GLU B 171 17.15 -10.81 -17.21
C GLU B 171 15.90 -11.63 -16.94
N LYS B 172 15.93 -12.47 -15.90
CA LYS B 172 14.76 -13.29 -15.57
C LYS B 172 13.57 -12.41 -15.17
N SER B 173 13.85 -11.21 -14.67
CA SER B 173 12.82 -10.31 -14.14
C SER B 173 12.44 -9.19 -15.09
N CYS B 174 13.12 -9.11 -16.23
CA CYS B 174 12.91 -7.98 -17.12
C CYS B 174 11.74 -8.22 -18.06
N LYS B 175 10.52 -8.21 -17.52
CA LYS B 175 9.34 -8.53 -18.30
C LYS B 175 8.68 -7.31 -18.89
N VAL B 176 7.77 -7.57 -19.81
CA VAL B 176 6.88 -6.55 -20.34
C VAL B 176 5.99 -6.01 -19.22
N PRO B 177 5.78 -4.69 -19.18
CA PRO B 177 4.89 -4.13 -18.15
C PRO B 177 3.44 -4.61 -18.36
N GLY B 178 2.72 -4.91 -17.28
CA GLY B 178 1.36 -5.45 -17.39
C GLY B 178 1.20 -6.85 -16.81
N VAL B 179 2.32 -7.42 -16.37
CA VAL B 179 2.42 -8.81 -15.95
C VAL B 179 2.82 -8.87 -14.48
N HIS B 180 2.36 -9.88 -13.76
CA HIS B 180 2.69 -10.04 -12.35
C HIS B 180 2.39 -11.48 -11.95
N ASP B 181 2.95 -11.90 -10.82
CA ASP B 181 2.58 -13.16 -10.19
C ASP B 181 1.38 -12.91 -9.24
N PRO B 182 0.23 -13.56 -9.48
CA PRO B 182 -0.93 -13.33 -8.61
C PRO B 182 -0.66 -13.72 -7.14
N LEU B 183 0.26 -14.65 -6.91
CA LEU B 183 0.69 -15.01 -5.56
C LEU B 183 1.48 -13.89 -4.87
N ASP B 184 2.07 -12.99 -5.65
CA ASP B 184 2.79 -11.86 -5.05
C ASP B 184 2.80 -10.60 -5.93
N PRO B 185 1.61 -9.97 -6.11
CA PRO B 185 1.43 -8.90 -7.08
C PRO B 185 2.34 -7.69 -6.89
N GLU B 186 2.35 -7.09 -5.70
CA GLU B 186 3.12 -5.87 -5.48
C GLU B 186 4.63 -6.13 -5.64
N LEU B 187 5.08 -7.25 -5.11
CA LEU B 187 6.50 -7.57 -5.08
C LEU B 187 7.04 -7.78 -6.49
N THR B 188 6.27 -8.48 -7.32
CA THR B 188 6.76 -8.88 -8.62
C THR B 188 6.64 -7.70 -9.59
N ILE B 189 5.63 -6.86 -9.40
CA ILE B 189 5.52 -5.65 -10.18
C ILE B 189 6.72 -4.77 -9.90
N LEU B 190 7.18 -4.79 -8.64
CA LEU B 190 8.36 -4.03 -8.26
C LEU B 190 9.64 -4.63 -8.89
N GLN B 191 9.83 -5.95 -8.80
CA GLN B 191 11.01 -6.61 -9.37
C GLN B 191 11.26 -6.15 -10.80
N GLN B 192 10.19 -6.29 -11.56
CA GLN B 192 10.20 -6.12 -12.99
C GLN B 192 10.53 -4.69 -13.34
N ARG B 193 9.90 -3.75 -12.65
CA ARG B 193 10.15 -2.34 -12.91
C ARG B 193 11.62 -2.02 -12.58
N LEU B 194 12.07 -2.50 -11.43
CA LEU B 194 13.47 -2.45 -11.05
C LEU B 194 14.37 -3.07 -12.13
N ALA B 195 13.97 -4.23 -12.64
CA ALA B 195 14.77 -4.93 -13.64
C ALA B 195 14.88 -4.09 -14.91
N ARG B 196 13.73 -3.61 -15.42
CA ARG B 196 13.72 -2.74 -16.57
C ARG B 196 14.64 -1.53 -16.35
N ARG B 197 14.53 -0.92 -15.17
CA ARG B 197 15.29 0.28 -14.84
C ARG B 197 16.80 -0.01 -14.77
N VAL B 198 17.17 -1.15 -14.21
CA VAL B 198 18.55 -1.57 -14.07
C VAL B 198 19.19 -1.78 -15.43
N ARG B 199 18.43 -2.28 -16.36
CA ARG B 199 18.87 -2.46 -17.71
C ARG B 199 18.86 -1.17 -18.43
N TYR B 200 17.97 -0.27 -18.05
CA TYR B 200 17.81 0.99 -18.77
C TYR B 200 19.00 1.95 -18.67
N GLU B 201 19.70 1.99 -17.54
CA GLU B 201 20.90 2.78 -17.44
C GLU B 201 22.13 1.88 -17.39
N LYS B 202 22.04 0.76 -18.10
CA LYS B 202 23.18 -0.14 -18.35
C LYS B 202 24.08 -0.30 -17.15
N LEU B 203 23.60 -1.00 -16.14
CA LEU B 203 24.29 -1.14 -14.87
C LEU B 203 24.94 -2.52 -14.71
N ASP B 204 26.20 -2.53 -14.26
CA ASP B 204 26.91 -3.78 -14.02
C ASP B 204 26.33 -4.46 -12.79
N VAL B 205 25.47 -5.45 -13.01
CA VAL B 205 24.77 -6.12 -11.91
C VAL B 205 25.72 -6.78 -10.93
N SER B 206 26.86 -7.24 -11.42
CA SER B 206 27.86 -7.85 -10.54
C SER B 206 28.38 -6.83 -9.51
N LYS B 207 28.14 -5.58 -9.79
CA LYS B 207 28.61 -4.49 -8.97
C LYS B 207 27.51 -3.72 -8.29
N LEU B 208 26.31 -4.28 -8.31
CA LEU B 208 25.13 -3.73 -7.64
C LEU B 208 24.99 -4.21 -6.21
N ASP B 209 24.96 -3.28 -5.25
CA ASP B 209 24.74 -3.65 -3.86
C ASP B 209 23.39 -3.11 -3.39
N LEU B 210 23.04 -3.38 -2.13
CA LEU B 210 21.73 -2.95 -1.63
C LEU B 210 21.58 -1.43 -1.65
N PRO B 211 22.67 -0.70 -1.35
CA PRO B 211 22.40 0.73 -1.50
C PRO B 211 22.13 1.12 -2.95
N GLY B 212 22.91 0.53 -3.86
CA GLY B 212 22.79 0.81 -5.27
C GLY B 212 21.40 0.46 -5.75
N LEU B 213 20.91 -0.71 -5.33
CA LEU B 213 19.59 -1.17 -5.74
C LEU B 213 18.53 -0.22 -5.21
N THR B 214 18.72 0.19 -3.95
CA THR B 214 17.78 1.03 -3.22
C THR B 214 17.69 2.37 -3.93
N SER B 215 18.79 2.72 -4.58
CA SER B 215 18.89 3.97 -5.30
C SER B 215 18.31 3.86 -6.69
N VAL B 216 18.34 2.66 -7.25
CA VAL B 216 17.60 2.38 -8.49
C VAL B 216 16.07 2.43 -8.21
N ALA B 217 15.65 1.95 -7.05
CA ALA B 217 14.25 1.97 -6.64
C ALA B 217 13.77 3.40 -6.53
N GLU B 218 14.66 4.29 -6.08
CA GLU B 218 14.25 5.68 -5.92
C GLU B 218 14.06 6.34 -7.28
N ARG B 219 14.94 6.03 -8.23
CA ARG B 219 14.81 6.58 -9.58
C ARG B 219 13.58 6.00 -10.27
N THR B 220 13.32 4.74 -9.96
CA THR B 220 12.18 4.00 -10.50
C THR B 220 10.85 4.52 -9.97
N ILE B 221 10.74 4.60 -8.64
CA ILE B 221 9.50 5.00 -7.98
C ILE B 221 9.20 6.45 -8.36
N THR B 222 10.26 7.23 -8.53
CA THR B 222 10.11 8.63 -8.95
C THR B 222 9.54 8.73 -10.37
N ASP B 223 10.11 7.93 -11.27
CA ASP B 223 9.66 7.91 -12.65
C ASP B 223 8.20 7.48 -12.78
N ASP B 224 7.82 6.41 -12.07
CA ASP B 224 6.44 5.96 -12.03
C ASP B 224 5.52 7.06 -11.51
N LEU B 225 6.00 7.79 -10.49
CA LEU B 225 5.22 8.86 -9.88
C LEU B 225 4.86 9.93 -10.89
N GLU B 226 5.79 10.23 -11.78
CA GLU B 226 5.58 11.28 -12.77
C GLU B 226 4.66 10.83 -13.91
N TYR B 227 4.59 9.54 -14.10
CA TYR B 227 3.78 9.00 -15.13
C TYR B 227 2.33 8.99 -14.71
N LEU B 228 2.08 8.80 -13.44
CA LEU B 228 0.77 8.96 -12.85
C LEU B 228 0.45 10.44 -12.82
N ILE B 229 1.42 11.26 -12.42
CA ILE B 229 1.16 12.69 -12.22
C ILE B 229 0.74 13.34 -13.54
N GLU B 230 1.32 12.88 -14.62
CA GLU B 230 1.01 13.37 -15.92
C GLU B 230 -0.40 13.07 -16.31
N LYS B 231 -0.88 11.90 -16.00
CA LYS B 231 -2.25 11.53 -16.32
C LYS B 231 -3.22 12.25 -15.40
N ALA B 232 -2.86 12.34 -14.12
CA ALA B 232 -3.79 12.75 -13.07
C ALA B 232 -3.75 14.24 -12.71
N VAL B 233 -2.80 14.99 -13.25
CA VAL B 233 -2.65 16.40 -12.85
C VAL B 233 -2.38 17.29 -14.05
N ASP B 234 -3.18 18.33 -14.17
CA ASP B 234 -3.03 19.28 -15.27
C ASP B 234 -2.36 20.51 -14.68
N PRO B 235 -1.09 20.73 -15.04
CA PRO B 235 -0.31 21.86 -14.54
C PRO B 235 -0.98 23.20 -14.85
N ALA B 236 -1.93 23.21 -15.79
CA ALA B 236 -2.71 24.42 -16.07
C ALA B 236 -3.77 24.67 -14.99
N VAL B 237 -4.27 23.59 -14.40
CA VAL B 237 -5.35 23.68 -13.41
C VAL B 237 -4.82 23.72 -11.97
N ALA B 238 -3.77 22.97 -11.68
CA ALA B 238 -3.20 22.99 -10.34
C ALA B 238 -1.72 23.27 -10.34
N ASP B 239 -1.23 23.71 -9.19
CA ASP B 239 0.20 23.74 -8.90
C ASP B 239 0.52 22.55 -8.04
N TYR B 240 1.69 21.96 -8.23
CA TYR B 240 2.05 20.86 -7.37
C TYR B 240 3.55 20.80 -7.12
N ALA B 241 3.96 19.91 -6.23
CA ALA B 241 5.37 19.71 -6.00
C ALA B 241 5.72 18.24 -5.92
N VAL B 242 7.01 17.94 -6.09
CA VAL B 242 7.53 16.57 -5.97
C VAL B 242 8.83 16.51 -5.15
N ILE B 243 8.81 15.63 -4.15
CA ILE B 243 9.93 15.40 -3.27
C ILE B 243 10.19 13.90 -3.20
N THR B 244 11.37 13.48 -3.70
CA THR B 244 11.74 12.06 -3.64
C THR B 244 13.10 11.87 -3.01
N GLY B 245 13.42 10.63 -2.64
CA GLY B 245 14.71 10.35 -2.05
C GLY B 245 14.77 8.99 -1.38
N VAL B 246 15.81 8.73 -0.62
CA VAL B 246 15.94 7.46 0.09
C VAL B 246 15.81 7.65 1.61
N GLN B 247 14.86 6.94 2.18
CA GLN B 247 14.66 6.95 3.64
C GLN B 247 15.64 5.99 4.30
N ILE B 248 16.32 6.46 5.32
CA ILE B 248 17.38 5.66 5.90
C ILE B 248 17.22 5.53 7.42
N HIS B 249 17.02 4.29 7.86
CA HIS B 249 16.89 3.99 9.27
C HIS B 249 18.25 3.68 9.87
N ASN B 250 18.77 4.58 10.66
CA ASN B 250 20.05 4.42 11.26
C ASN B 250 19.96 3.95 12.69
N TRP B 251 19.74 2.67 12.88
CA TRP B 251 19.62 2.13 14.21
C TRP B 251 21.00 1.85 14.74
N SER B 262 19.53 6.00 18.22
CA SER B 262 18.82 5.62 17.00
C SER B 262 18.25 6.83 16.26
N ILE B 263 18.69 7.02 15.00
CA ILE B 263 18.37 8.23 14.25
C ILE B 263 17.75 7.96 12.85
N GLU B 264 16.72 8.74 12.51
CA GLU B 264 16.10 8.64 11.21
C GLU B 264 16.67 9.66 10.22
N PHE B 265 17.20 9.16 9.11
CA PHE B 265 17.78 10.02 8.09
C PHE B 265 16.98 9.96 6.81
N VAL B 266 17.20 10.96 5.96
CA VAL B 266 16.61 10.99 4.64
C VAL B 266 17.61 11.54 3.66
N ALA B 267 17.82 10.84 2.55
CA ALA B 267 18.63 11.38 1.49
C ALA B 267 17.74 11.89 0.36
N PRO B 268 17.55 13.21 0.27
CA PRO B 268 16.77 13.75 -0.85
C PRO B 268 17.37 13.43 -2.24
N ALA B 269 16.51 13.11 -3.19
CA ALA B 269 16.88 12.98 -4.59
C ALA B 269 16.37 14.00 -5.60
N LYS B 270 15.16 13.82 -6.13
CA LYS B 270 14.62 14.78 -7.08
C LYS B 270 13.55 15.62 -6.40
N CYS B 271 13.67 16.94 -6.52
CA CYS B 271 12.71 17.88 -5.94
C CYS B 271 12.36 19.02 -6.87
N TYR B 272 11.06 19.26 -7.01
CA TYR B 272 10.62 20.41 -7.81
C TYR B 272 9.18 20.84 -7.56
N THR B 273 8.89 22.05 -8.01
CA THR B 273 7.55 22.60 -7.95
C THR B 273 7.13 22.92 -9.39
N VAL B 274 5.86 22.66 -9.68
CA VAL B 274 5.27 23.09 -10.93
C VAL B 274 4.23 24.13 -10.60
N VAL B 275 4.65 25.39 -10.63
CA VAL B 275 3.77 26.47 -10.26
C VAL B 275 3.46 27.26 -11.53
N ASN B 276 2.19 27.56 -11.73
CA ASN B 276 1.73 28.27 -12.90
C ASN B 276 2.17 27.63 -14.19
N GLY B 277 2.14 26.30 -14.27
CA GLY B 277 2.69 25.65 -15.46
C GLY B 277 4.20 25.90 -15.66
N LEU B 278 4.93 26.26 -14.60
CA LEU B 278 6.38 26.50 -14.72
C LEU B 278 7.20 25.73 -13.68
N LYS B 279 8.07 24.83 -14.17
CA LYS B 279 8.85 23.92 -13.32
C LYS B 279 10.20 24.45 -12.87
N THR B 280 10.48 24.32 -11.57
CA THR B 280 11.73 24.78 -10.95
C THR B 280 12.27 23.68 -10.04
N TYR B 281 13.52 23.28 -10.27
CA TYR B 281 14.09 22.24 -9.42
C TYR B 281 14.64 22.76 -8.10
N ILE B 282 14.66 21.87 -7.11
CA ILE B 282 15.21 22.19 -5.79
C ILE B 282 16.25 21.19 -5.34
N ASP B 283 17.49 21.63 -5.13
CA ASP B 283 18.46 20.74 -4.52
C ASP B 283 18.40 20.87 -3.00
N LEU B 284 19.03 19.95 -2.29
CA LEU B 284 18.97 19.87 -0.83
C LEU B 284 19.36 21.12 0.00
N PRO B 285 20.39 21.89 -0.41
CA PRO B 285 20.65 23.06 0.43
C PRO B 285 19.72 24.24 0.13
#